data_1THG
#
_entry.id   1THG
#
_cell.length_a   59.400
_cell.length_b   84.000
_cell.length_c   56.000
_cell.angle_alpha   90.00
_cell.angle_beta   100.10
_cell.angle_gamma   90.00
#
_symmetry.space_group_name_H-M   'P 1 21 1'
#
loop_
_entity.id
_entity.type
_entity.pdbx_description
1 polymer 'Lipase 2'
2 branched 2-acetamido-2-deoxy-beta-D-glucopyranose-(1-4)-2-acetamido-2-deoxy-beta-D-glucopyranose
3 non-polymer 2-acetamido-2-deoxy-beta-D-glucopyranose
4 non-polymer 2-acetamido-2-deoxy-alpha-D-glucopyranose
5 water water
#
_entity_poly.entity_id   1
_entity_poly.type   'polypeptide(L)'
_entity_poly.pdbx_seq_one_letter_code
;(PCA)APTAVLNGNEVISGVLEGKVDTFKGIPFADPPLNDLRFKHPQPFTGSYQGLKANDFSPACMQLDPGNSLTLLDKA
LGLAKVIPEEFRGPLYDMAKGTVSMNEDCLYLNVFRPAGTKPDAKLPVMVWIYGGAFVYGSSAAYPGNSYVKESINMGQP
VVFVSINYRTGPFGFLGGDAITAEGNTNAGLHDQRKGLEWVSDNIANFGGDPDKVMIFGESAGAMSVAHQLIAYGGDNTY
NGKKLFHSAILQSGGPLPYHDSSSVGPDISYNRFAQYAGCDTSASANDTLECLRSKSSSVLHDAQNSYDLKDLFGLLPQF
LGFGPRPDGNIIPDAAYELFRSGRYAKVPYISGNQEDEGTAFAPVALNATTTPHVKKWLQYIFYDASEASIDRVLSLYPQ
TLSVGSPFRTGILNALTPQFKRVAAILSDMLFQSPRRVMLSATKDVNRWTYLSTHLHNLVPFLGTFHGNELIFQFNVNIG
PANSYLRYFISFANHHDPNVGTNLLQWDQYTDEGKEMLEIHMTDNVMRTDDYRIEGISNFETDVNLYG
;
_entity_poly.pdbx_strand_id   A
#
# COMPACT_ATOMS: atom_id res chain seq x y z
N ALA A 2 -15.35 -16.37 25.44
CA ALA A 2 -14.34 -15.49 24.88
C ALA A 2 -12.98 -16.19 24.87
N PRO A 3 -12.26 -16.26 23.72
CA PRO A 3 -10.87 -16.71 23.70
C PRO A 3 -9.98 -15.71 24.48
N THR A 4 -8.84 -16.14 24.99
CA THR A 4 -7.96 -15.29 25.79
C THR A 4 -6.53 -15.41 25.32
N ALA A 5 -5.69 -14.47 25.70
CA ALA A 5 -4.26 -14.58 25.47
C ALA A 5 -3.66 -13.77 26.61
N VAL A 6 -2.49 -14.10 27.12
CA VAL A 6 -1.93 -13.28 28.17
C VAL A 6 -0.59 -12.72 27.70
N LEU A 7 -0.54 -11.41 27.89
CA LEU A 7 0.58 -10.58 27.53
C LEU A 7 1.35 -10.17 28.77
N ASN A 8 2.67 -10.01 28.64
CA ASN A 8 3.54 -9.55 29.72
C ASN A 8 3.45 -10.47 30.94
N GLY A 9 3.40 -11.77 30.70
CA GLY A 9 3.34 -12.76 31.75
C GLY A 9 2.03 -12.81 32.51
N ASN A 10 1.22 -11.75 32.67
CA ASN A 10 0.05 -11.86 33.53
C ASN A 10 -1.12 -10.96 33.18
N GLU A 11 -1.10 -10.28 32.03
CA GLU A 11 -2.21 -9.41 31.70
C GLU A 11 -3.03 -10.16 30.67
N VAL A 12 -4.28 -10.42 31.04
CA VAL A 12 -5.18 -11.25 30.26
C VAL A 12 -6.06 -10.39 29.40
N ILE A 13 -6.04 -10.64 28.07
CA ILE A 13 -7.00 -9.95 27.23
C ILE A 13 -7.98 -10.99 26.69
N SER A 14 -9.21 -10.60 26.38
CA SER A 14 -10.16 -11.53 25.81
C SER A 14 -10.59 -11.05 24.41
N GLY A 15 -10.97 -11.97 23.52
CA GLY A 15 -11.40 -11.62 22.19
C GLY A 15 -12.84 -12.07 21.96
N VAL A 16 -13.20 -12.41 20.71
CA VAL A 16 -14.54 -12.82 20.33
C VAL A 16 -14.42 -14.01 19.36
N LEU A 17 -15.23 -15.04 19.57
CA LEU A 17 -15.23 -16.21 18.70
C LEU A 17 -16.18 -15.87 17.56
N GLU A 18 -15.68 -15.90 16.33
CA GLU A 18 -16.49 -15.63 15.18
C GLU A 18 -16.49 -16.88 14.31
N GLY A 19 -17.43 -17.80 14.54
CA GLY A 19 -17.51 -19.02 13.76
C GLY A 19 -16.36 -19.91 14.17
N LYS A 20 -15.42 -20.22 13.28
CA LYS A 20 -14.29 -21.01 13.69
C LYS A 20 -12.99 -20.19 13.77
N VAL A 21 -13.11 -18.88 13.92
CA VAL A 21 -11.96 -17.97 14.01
C VAL A 21 -12.02 -17.18 15.33
N ASP A 22 -10.94 -17.15 16.12
CA ASP A 22 -10.87 -16.31 17.32
C ASP A 22 -10.39 -14.94 16.84
N THR A 23 -11.01 -13.84 17.25
CA THR A 23 -10.52 -12.52 16.85
C THR A 23 -10.19 -11.71 18.10
N PHE A 24 -9.17 -10.87 18.04
CA PHE A 24 -8.78 -9.99 19.13
C PHE A 24 -8.58 -8.68 18.39
N LYS A 25 -9.52 -7.78 18.48
CA LYS A 25 -9.49 -6.54 17.76
C LYS A 25 -9.26 -5.36 18.69
N GLY A 26 -8.52 -4.36 18.22
CA GLY A 26 -8.36 -3.11 18.98
C GLY A 26 -7.30 -3.19 20.06
N ILE A 27 -6.16 -3.82 19.79
CA ILE A 27 -5.07 -3.97 20.76
C ILE A 27 -4.09 -2.80 20.61
N PRO A 28 -3.83 -1.93 21.57
CA PRO A 28 -2.92 -0.78 21.41
C PRO A 28 -1.50 -1.25 21.31
N PHE A 29 -0.69 -0.68 20.41
CA PHE A 29 0.72 -1.06 20.36
C PHE A 29 1.63 0.16 20.56
N ALA A 30 1.06 1.34 20.79
CA ALA A 30 1.85 2.55 21.04
C ALA A 30 0.95 3.48 21.84
N ASP A 31 1.50 4.48 22.52
CA ASP A 31 0.68 5.47 23.17
C ASP A 31 -0.06 6.33 22.15
N PRO A 32 -1.25 6.86 22.42
CA PRO A 32 -2.01 7.64 21.45
C PRO A 32 -1.22 8.88 20.98
N PRO A 33 -1.11 9.12 19.66
CA PRO A 33 -0.29 10.21 19.11
C PRO A 33 -1.06 11.53 19.13
N LEU A 34 -1.49 11.98 20.30
CA LEU A 34 -2.37 13.13 20.43
C LEU A 34 -1.59 14.27 21.06
N ASN A 35 -2.12 15.47 20.84
CA ASN A 35 -1.63 16.72 21.42
C ASN A 35 -0.16 16.93 21.16
N ASP A 36 0.73 16.93 22.17
CA ASP A 36 2.14 17.17 21.94
C ASP A 36 2.80 16.03 21.15
N LEU A 37 2.17 14.86 21.06
CA LEU A 37 2.76 13.77 20.30
C LEU A 37 2.26 13.73 18.84
N ARG A 38 1.42 14.68 18.41
CA ARG A 38 0.99 14.74 17.02
C ARG A 38 2.22 14.95 16.14
N PHE A 39 2.31 14.16 15.07
CA PHE A 39 3.37 14.18 14.05
C PHE A 39 4.67 13.62 14.61
N LYS A 40 4.75 13.08 15.83
CA LYS A 40 5.98 12.53 16.29
C LYS A 40 6.02 11.04 16.05
N HIS A 41 7.21 10.47 16.05
CA HIS A 41 7.39 9.02 16.00
C HIS A 41 6.54 8.33 17.07
N PRO A 42 6.02 7.11 16.87
CA PRO A 42 5.19 6.42 17.87
C PRO A 42 5.97 6.21 19.16
N GLN A 43 5.32 6.44 20.30
CA GLN A 43 5.94 6.32 21.61
C GLN A 43 5.52 4.97 22.20
N PRO A 44 6.29 4.32 23.08
CA PRO A 44 5.90 3.04 23.67
C PRO A 44 4.58 3.11 24.42
N PHE A 45 3.84 2.01 24.39
CA PHE A 45 2.58 1.93 25.10
C PHE A 45 2.95 1.84 26.57
N THR A 46 2.44 2.78 27.37
CA THR A 46 2.71 2.83 28.81
C THR A 46 1.51 2.38 29.64
N GLY A 47 0.45 1.84 29.04
CA GLY A 47 -0.74 1.45 29.77
C GLY A 47 -0.70 -0.02 30.15
N SER A 48 -1.85 -0.59 30.47
CA SER A 48 -1.97 -1.98 30.85
C SER A 48 -2.91 -2.68 29.88
N TYR A 49 -2.60 -3.95 29.60
CA TYR A 49 -3.48 -4.80 28.81
C TYR A 49 -4.47 -5.56 29.70
N GLN A 50 -4.24 -5.68 31.02
CA GLN A 50 -5.13 -6.45 31.88
C GLN A 50 -6.61 -6.11 31.79
N GLY A 51 -7.40 -7.15 31.45
CA GLY A 51 -8.84 -7.01 31.35
C GLY A 51 -9.31 -6.37 30.05
N LEU A 52 -8.43 -6.20 29.05
CA LEU A 52 -8.82 -5.60 27.78
C LEU A 52 -9.80 -6.55 27.08
N LYS A 53 -10.96 -6.03 26.70
CA LYS A 53 -11.93 -6.79 25.93
C LYS A 53 -11.64 -6.34 24.49
N ALA A 54 -10.83 -7.10 23.78
CA ALA A 54 -10.45 -6.78 22.40
C ALA A 54 -11.55 -7.25 21.47
N ASN A 55 -12.64 -6.52 21.47
CA ASN A 55 -13.83 -7.05 20.81
C ASN A 55 -14.38 -6.23 19.67
N ASP A 56 -13.70 -5.16 19.32
CA ASP A 56 -14.10 -4.44 18.14
C ASP A 56 -12.91 -3.63 17.67
N PHE A 57 -12.96 -3.29 16.39
CA PHE A 57 -11.94 -2.49 15.76
C PHE A 57 -11.86 -1.12 16.41
N SER A 58 -10.66 -0.60 16.49
CA SER A 58 -10.44 0.75 16.99
C SER A 58 -10.86 1.72 15.89
N PRO A 59 -10.88 3.06 16.11
CA PRO A 59 -11.03 4.04 15.04
C PRO A 59 -9.97 3.85 13.98
N ALA A 60 -10.35 4.14 12.75
CA ALA A 60 -9.42 4.18 11.63
C ALA A 60 -8.55 5.43 11.78
N CYS A 61 -7.31 5.47 11.29
CA CYS A 61 -6.54 6.72 11.36
C CYS A 61 -7.14 7.75 10.42
N MET A 62 -6.78 9.03 10.57
CA MET A 62 -7.41 10.11 9.80
C MET A 62 -7.05 9.86 8.36
N GLN A 63 -8.05 9.94 7.50
CA GLN A 63 -7.85 9.66 6.09
C GLN A 63 -8.97 10.35 5.34
N LEU A 64 -8.79 10.38 4.05
CA LEU A 64 -9.79 10.94 3.16
C LEU A 64 -10.93 9.99 2.90
N ASP A 65 -12.09 10.49 2.51
CA ASP A 65 -13.17 9.60 2.18
C ASP A 65 -12.99 9.08 0.74
N PRO A 66 -13.05 7.75 0.52
CA PRO A 66 -13.09 7.12 -0.81
C PRO A 66 -14.11 7.74 -1.74
N GLY A 67 -15.22 8.22 -1.19
CA GLY A 67 -16.29 8.88 -1.94
C GLY A 67 -15.80 10.01 -2.84
N ASN A 68 -14.73 10.72 -2.45
CA ASN A 68 -14.14 11.78 -3.27
C ASN A 68 -13.74 11.22 -4.63
N SER A 69 -12.96 10.15 -4.57
CA SER A 69 -12.41 9.48 -5.72
C SER A 69 -13.48 8.74 -6.50
N LEU A 70 -14.33 7.98 -5.81
CA LEU A 70 -15.39 7.25 -6.48
C LEU A 70 -16.34 8.18 -7.18
N THR A 71 -16.71 9.31 -6.63
CA THR A 71 -17.58 10.26 -7.28
C THR A 71 -16.91 10.87 -8.49
N LEU A 72 -15.63 11.24 -8.46
CA LEU A 72 -14.95 11.75 -9.65
C LEU A 72 -14.91 10.70 -10.75
N LEU A 73 -14.58 9.47 -10.38
CA LEU A 73 -14.56 8.37 -11.33
C LEU A 73 -15.93 8.15 -11.94
N ASP A 74 -16.97 8.20 -11.11
CA ASP A 74 -18.33 8.02 -11.57
C ASP A 74 -18.71 9.14 -12.51
N LYS A 75 -18.32 10.37 -12.21
CA LYS A 75 -18.57 11.49 -13.08
C LYS A 75 -17.85 11.32 -14.42
N ALA A 76 -16.60 10.88 -14.36
CA ALA A 76 -15.76 10.67 -15.52
C ALA A 76 -16.19 9.50 -16.39
N LEU A 77 -16.62 8.38 -15.83
CA LEU A 77 -16.99 7.24 -16.65
C LEU A 77 -18.25 6.46 -16.34
N GLY A 78 -18.99 6.80 -15.29
CA GLY A 78 -20.22 6.11 -14.93
C GLY A 78 -19.97 4.70 -14.41
N LEU A 79 -19.51 4.56 -13.16
CA LEU A 79 -19.18 3.26 -12.60
C LEU A 79 -20.28 2.23 -12.65
N ALA A 80 -21.54 2.58 -12.36
CA ALA A 80 -22.64 1.63 -12.48
C ALA A 80 -22.85 1.11 -13.90
N LYS A 81 -22.39 1.82 -14.92
CA LYS A 81 -22.49 1.33 -16.28
C LYS A 81 -21.28 0.43 -16.54
N VAL A 82 -20.07 0.80 -16.12
CA VAL A 82 -18.95 -0.01 -16.50
C VAL A 82 -18.63 -1.19 -15.61
N ILE A 83 -18.84 -1.19 -14.29
CA ILE A 83 -18.41 -2.33 -13.48
C ILE A 83 -19.59 -3.28 -13.30
N PRO A 84 -19.47 -4.57 -13.62
CA PRO A 84 -20.51 -5.56 -13.39
C PRO A 84 -21.00 -5.51 -11.95
N GLU A 85 -22.31 -5.61 -11.72
CA GLU A 85 -22.88 -5.56 -10.38
C GLU A 85 -22.19 -6.45 -9.36
N GLU A 86 -21.79 -7.66 -9.75
CA GLU A 86 -21.17 -8.60 -8.82
C GLU A 86 -19.83 -8.13 -8.27
N PHE A 87 -19.17 -7.19 -8.93
CA PHE A 87 -17.92 -6.62 -8.45
C PHE A 87 -18.15 -5.24 -7.85
N ARG A 88 -19.17 -4.53 -8.38
CA ARG A 88 -19.44 -3.15 -7.99
C ARG A 88 -19.98 -3.08 -6.57
N GLY A 89 -20.88 -4.00 -6.21
CA GLY A 89 -21.41 -4.07 -4.84
C GLY A 89 -20.26 -4.18 -3.82
N PRO A 90 -19.38 -5.19 -3.91
CA PRO A 90 -18.20 -5.34 -3.06
C PRO A 90 -17.28 -4.12 -3.02
N LEU A 91 -17.03 -3.50 -4.18
CA LEU A 91 -16.16 -2.34 -4.27
C LEU A 91 -16.73 -1.18 -3.44
N TYR A 92 -18.02 -0.88 -3.55
CA TYR A 92 -18.60 0.18 -2.76
C TYR A 92 -18.69 -0.19 -1.28
N ASP A 93 -18.83 -1.46 -0.93
CA ASP A 93 -18.87 -1.91 0.46
C ASP A 93 -17.53 -1.64 1.13
N MET A 94 -16.41 -1.87 0.45
CA MET A 94 -15.12 -1.59 1.05
C MET A 94 -14.81 -0.11 1.18
N ALA A 95 -15.52 0.74 0.44
CA ALA A 95 -15.33 2.18 0.45
C ALA A 95 -16.15 2.89 1.51
N LYS A 96 -16.98 2.18 2.26
CA LYS A 96 -17.74 2.79 3.33
C LYS A 96 -17.47 1.94 4.58
N GLY A 97 -17.97 2.31 5.74
CA GLY A 97 -17.71 1.53 6.93
C GLY A 97 -18.30 2.22 8.13
N THR A 98 -18.42 1.42 9.17
CA THR A 98 -19.01 1.84 10.44
C THR A 98 -17.92 2.39 11.35
N VAL A 99 -16.61 2.09 11.20
CA VAL A 99 -15.65 2.65 12.14
C VAL A 99 -15.54 4.16 12.01
N SER A 100 -15.33 4.78 13.16
CA SER A 100 -15.06 6.21 13.19
C SER A 100 -13.62 6.41 12.74
N MET A 101 -13.19 7.66 12.54
CA MET A 101 -11.78 7.89 12.33
C MET A 101 -11.36 8.83 13.43
N ASN A 102 -10.14 8.68 13.88
CA ASN A 102 -9.68 9.46 15.02
C ASN A 102 -8.19 9.43 14.99
N GLU A 103 -7.52 10.45 15.52
CA GLU A 103 -6.06 10.41 15.64
C GLU A 103 -5.60 9.30 16.58
N ASP A 104 -6.43 8.95 17.56
CA ASP A 104 -6.11 7.85 18.44
C ASP A 104 -6.50 6.59 17.66
N CYS A 105 -5.53 6.05 16.95
CA CYS A 105 -5.80 4.96 16.00
C CYS A 105 -4.69 3.95 15.98
N LEU A 106 -3.69 4.04 16.86
CA LEU A 106 -2.60 3.10 16.81
C LEU A 106 -2.88 1.79 17.54
N TYR A 107 -3.66 0.94 16.86
CA TYR A 107 -4.07 -0.37 17.36
C TYR A 107 -3.89 -1.43 16.27
N LEU A 108 -3.79 -2.70 16.67
CA LEU A 108 -3.68 -3.82 15.73
C LEU A 108 -4.68 -4.90 16.11
N ASN A 109 -4.82 -5.94 15.26
CA ASN A 109 -5.85 -6.97 15.41
C ASN A 109 -5.23 -8.31 15.10
N VAL A 110 -5.66 -9.39 15.80
CA VAL A 110 -5.08 -10.73 15.60
C VAL A 110 -6.26 -11.66 15.31
N PHE A 111 -6.10 -12.51 14.28
CA PHE A 111 -7.12 -13.46 13.86
C PHE A 111 -6.45 -14.81 13.83
N ARG A 112 -7.05 -15.85 14.41
CA ARG A 112 -6.38 -17.15 14.41
C ARG A 112 -7.45 -18.26 14.41
N PRO A 113 -7.15 -19.53 14.10
CA PRO A 113 -8.10 -20.65 14.16
C PRO A 113 -8.60 -20.77 15.60
N ALA A 114 -9.91 -20.95 15.77
CA ALA A 114 -10.47 -21.14 17.10
C ALA A 114 -9.80 -22.28 17.85
N GLY A 115 -9.51 -22.02 19.12
CA GLY A 115 -8.86 -23.01 19.95
C GLY A 115 -7.36 -23.14 19.76
N THR A 116 -6.67 -22.29 18.98
CA THR A 116 -5.22 -22.40 18.86
C THR A 116 -4.61 -22.15 20.24
N LYS A 117 -3.58 -22.92 20.56
CA LYS A 117 -2.94 -22.77 21.86
C LYS A 117 -1.64 -22.01 21.68
N PRO A 118 -1.12 -21.29 22.67
CA PRO A 118 0.11 -20.52 22.56
C PRO A 118 1.33 -21.26 22.07
N ASP A 119 1.35 -22.58 22.15
CA ASP A 119 2.50 -23.35 21.69
C ASP A 119 2.41 -23.75 20.22
N ALA A 120 1.34 -23.38 19.50
CA ALA A 120 1.16 -23.86 18.14
C ALA A 120 2.19 -23.44 17.09
N LYS A 121 2.91 -22.33 17.25
CA LYS A 121 3.85 -21.80 16.28
C LYS A 121 3.36 -21.77 14.84
N LEU A 122 2.19 -21.19 14.67
CA LEU A 122 1.62 -21.03 13.34
C LEU A 122 2.33 -19.89 12.60
N PRO A 123 2.61 -19.99 11.29
CA PRO A 123 3.13 -18.88 10.48
C PRO A 123 2.23 -17.67 10.58
N VAL A 124 2.79 -16.48 10.60
CA VAL A 124 2.06 -15.24 10.79
C VAL A 124 2.02 -14.44 9.49
N MET A 125 0.87 -13.93 9.06
CA MET A 125 0.75 -13.09 7.88
C MET A 125 0.41 -11.70 8.43
N VAL A 126 1.17 -10.65 8.16
CA VAL A 126 0.88 -9.31 8.69
C VAL A 126 0.49 -8.42 7.53
N TRP A 127 -0.76 -7.95 7.50
CA TRP A 127 -1.29 -7.11 6.45
C TRP A 127 -1.06 -5.64 6.76
N ILE A 128 -0.57 -4.87 5.77
CA ILE A 128 -0.38 -3.43 5.90
C ILE A 128 -1.22 -2.82 4.78
N TYR A 129 -2.32 -2.16 5.12
CA TYR A 129 -3.20 -1.59 4.11
C TYR A 129 -2.63 -0.39 3.37
N GLY A 130 -3.31 -0.01 2.30
CA GLY A 130 -2.98 1.22 1.58
C GLY A 130 -3.84 1.38 0.33
N GLY A 131 -5.07 0.88 0.34
CA GLY A 131 -5.95 0.82 -0.82
C GLY A 131 -6.47 2.18 -1.15
N ALA A 132 -6.33 2.60 -2.41
CA ALA A 132 -6.81 3.90 -2.85
C ALA A 132 -8.30 4.21 -2.68
N PHE A 133 -9.16 3.21 -2.70
CA PHE A 133 -10.61 3.41 -2.66
C PHE A 133 -11.23 2.74 -1.45
N VAL A 134 -10.44 2.45 -0.41
CA VAL A 134 -10.97 1.71 0.73
C VAL A 134 -11.04 2.63 1.93
N TYR A 135 -12.10 2.52 2.72
CA TYR A 135 -12.23 3.29 3.94
C TYR A 135 -12.11 2.34 5.12
N GLY A 136 -11.39 2.78 6.15
CA GLY A 136 -11.44 2.05 7.41
C GLY A 136 -10.16 1.58 8.03
N SER A 137 -8.99 1.84 7.44
CA SER A 137 -7.73 1.26 7.91
C SER A 137 -7.92 -0.27 8.14
N SER A 138 -7.42 -0.87 9.23
CA SER A 138 -7.47 -2.31 9.39
C SER A 138 -8.88 -2.88 9.45
N ALA A 139 -9.88 -2.06 9.81
CA ALA A 139 -11.27 -2.48 9.93
C ALA A 139 -11.87 -2.94 8.61
N ALA A 140 -11.34 -2.47 7.47
CA ALA A 140 -11.81 -2.89 6.15
C ALA A 140 -11.20 -4.22 5.67
N TYR A 141 -10.28 -4.82 6.44
CA TYR A 141 -9.55 -5.98 6.00
C TYR A 141 -9.65 -7.14 7.01
N PRO A 142 -10.83 -7.66 7.36
CA PRO A 142 -10.94 -8.75 8.33
C PRO A 142 -10.13 -9.97 7.87
N GLY A 143 -9.44 -10.63 8.79
CA GLY A 143 -8.59 -11.74 8.42
C GLY A 143 -9.33 -13.07 8.34
N ASN A 144 -10.64 -13.10 8.53
CA ASN A 144 -11.41 -14.34 8.59
C ASN A 144 -11.29 -15.17 7.32
N SER A 145 -11.30 -14.63 6.09
CA SER A 145 -11.22 -15.47 4.90
C SER A 145 -9.85 -16.12 4.76
N TYR A 146 -8.76 -15.40 5.01
CA TYR A 146 -7.45 -16.01 5.04
C TYR A 146 -7.34 -17.11 6.11
N VAL A 147 -7.80 -16.84 7.34
CA VAL A 147 -7.68 -17.88 8.36
C VAL A 147 -8.55 -19.10 7.99
N LYS A 148 -9.79 -18.93 7.57
CA LYS A 148 -10.68 -20.04 7.21
C LYS A 148 -10.06 -20.88 6.10
N GLU A 149 -9.55 -20.24 5.05
CA GLU A 149 -8.94 -20.99 3.98
C GLU A 149 -7.67 -21.71 4.42
N SER A 150 -6.83 -21.13 5.30
CA SER A 150 -5.64 -21.84 5.75
C SER A 150 -6.01 -23.11 6.54
N ILE A 151 -7.14 -23.12 7.24
CA ILE A 151 -7.61 -24.30 7.98
C ILE A 151 -8.03 -25.33 6.92
N ASN A 152 -8.85 -24.98 5.93
CA ASN A 152 -9.24 -25.93 4.88
C ASN A 152 -8.07 -26.55 4.15
N MET A 153 -7.01 -25.78 3.94
CA MET A 153 -5.75 -26.20 3.33
C MET A 153 -4.87 -27.07 4.19
N GLY A 154 -5.15 -27.17 5.49
CA GLY A 154 -4.30 -27.91 6.41
C GLY A 154 -3.02 -27.13 6.67
N GLN A 155 -3.03 -25.81 6.47
CA GLN A 155 -1.85 -24.96 6.67
C GLN A 155 -2.24 -23.70 7.50
N PRO A 156 -2.81 -23.85 8.71
CA PRO A 156 -3.32 -22.74 9.50
C PRO A 156 -2.32 -21.61 9.80
N VAL A 157 -2.79 -20.37 9.72
CA VAL A 157 -1.95 -19.22 10.00
C VAL A 157 -2.64 -18.34 11.04
N VAL A 158 -1.85 -17.40 11.56
CA VAL A 158 -2.38 -16.32 12.35
C VAL A 158 -2.36 -15.11 11.42
N PHE A 159 -3.40 -14.30 11.34
CA PHE A 159 -3.39 -13.11 10.51
C PHE A 159 -3.33 -11.88 11.43
N VAL A 160 -2.51 -10.87 11.18
CA VAL A 160 -2.47 -9.66 12.01
C VAL A 160 -2.67 -8.44 11.09
N SER A 161 -3.47 -7.43 11.42
CA SER A 161 -3.49 -6.22 10.63
C SER A 161 -3.11 -5.07 11.56
N ILE A 162 -2.40 -4.06 11.06
CA ILE A 162 -1.85 -2.98 11.88
C ILE A 162 -2.34 -1.64 11.34
N ASN A 163 -2.76 -0.70 12.18
CA ASN A 163 -3.09 0.64 11.74
C ASN A 163 -1.81 1.48 11.76
N TYR A 164 -1.68 2.46 10.86
CA TYR A 164 -0.55 3.36 10.87
C TYR A 164 -1.06 4.67 10.33
N ARG A 165 -0.39 5.77 10.68
CA ARG A 165 -0.80 7.09 10.25
C ARG A 165 -0.34 7.37 8.80
N THR A 166 -1.29 7.85 8.00
CA THR A 166 -1.05 8.20 6.61
C THR A 166 -1.23 9.69 6.47
N GLY A 167 -0.91 10.20 5.28
CA GLY A 167 -1.14 11.59 4.96
C GLY A 167 -0.23 12.48 5.79
N PRO A 168 -0.62 13.72 6.03
CA PRO A 168 0.16 14.67 6.82
C PRO A 168 0.29 14.25 8.28
N PHE A 169 -0.58 13.39 8.80
CA PHE A 169 -0.48 12.92 10.17
C PHE A 169 0.68 11.96 10.32
N GLY A 170 1.04 11.20 9.27
CA GLY A 170 2.14 10.27 9.37
C GLY A 170 3.38 10.61 8.57
N PHE A 171 3.32 11.61 7.69
CA PHE A 171 4.45 11.90 6.82
C PHE A 171 4.57 13.39 6.60
N LEU A 172 4.36 14.14 7.67
N LEU A 172 4.37 14.19 7.64
CA LEU A 172 4.55 15.58 7.58
CA LEU A 172 4.32 15.66 7.52
C LEU A 172 6.07 15.69 7.52
C LEU A 172 5.51 16.38 6.90
N GLY A 173 6.56 16.42 6.54
N GLY A 173 6.75 16.03 7.26
CA GLY A 173 7.98 16.69 6.50
CA GLY A 173 7.96 16.60 6.65
C GLY A 173 8.14 18.13 6.92
C GLY A 173 8.27 18.05 7.07
N GLY A 174 9.15 18.73 6.31
CA GLY A 174 9.48 20.12 6.58
C GLY A 174 10.64 20.20 7.56
N ASP A 175 11.17 21.41 7.64
CA ASP A 175 12.36 21.61 8.44
C ASP A 175 12.17 21.40 9.93
N ALA A 176 11.00 21.75 10.49
CA ALA A 176 10.83 21.61 11.92
C ALA A 176 10.79 20.13 12.30
N ILE A 177 10.05 19.32 11.53
CA ILE A 177 9.99 17.88 11.76
C ILE A 177 11.39 17.28 11.59
N THR A 178 12.15 17.69 10.57
CA THR A 178 13.49 17.17 10.40
C THR A 178 14.38 17.49 11.59
N ALA A 179 14.33 18.73 12.09
CA ALA A 179 15.13 19.14 13.23
C ALA A 179 14.73 18.31 14.46
N GLU A 180 13.45 18.02 14.67
CA GLU A 180 13.06 17.14 15.77
C GLU A 180 13.47 15.69 15.56
N GLY A 181 13.79 15.26 14.35
CA GLY A 181 14.08 13.87 14.08
C GLY A 181 12.80 13.04 13.94
N ASN A 182 11.66 13.63 13.61
CA ASN A 182 10.42 12.91 13.57
C ASN A 182 9.91 12.59 12.17
N THR A 183 10.82 12.37 11.25
CA THR A 183 10.45 12.11 9.86
C THR A 183 9.90 10.70 9.66
N ASN A 184 9.04 10.53 8.65
CA ASN A 184 8.49 9.23 8.27
C ASN A 184 7.82 8.51 9.43
N ALA A 185 7.05 9.25 10.23
CA ALA A 185 6.39 8.68 11.41
C ALA A 185 5.51 7.47 11.05
N GLY A 186 4.76 7.47 9.95
CA GLY A 186 3.90 6.34 9.57
C GLY A 186 4.68 5.08 9.30
N LEU A 187 5.93 5.18 8.80
CA LEU A 187 6.75 4.01 8.61
C LEU A 187 7.24 3.48 9.94
N HIS A 188 7.51 4.39 10.87
CA HIS A 188 7.91 3.96 12.21
C HIS A 188 6.72 3.32 12.90
N ASP A 189 5.48 3.75 12.66
CA ASP A 189 4.32 3.08 13.20
C ASP A 189 4.27 1.62 12.78
N GLN A 190 4.48 1.33 11.51
CA GLN A 190 4.46 -0.03 10.99
C GLN A 190 5.55 -0.84 11.66
N ARG A 191 6.75 -0.27 11.76
CA ARG A 191 7.88 -0.97 12.34
C ARG A 191 7.60 -1.26 13.82
N LYS A 192 6.97 -0.34 14.56
CA LYS A 192 6.59 -0.58 15.95
C LYS A 192 5.54 -1.69 16.05
N GLY A 193 4.58 -1.75 15.12
CA GLY A 193 3.62 -2.85 15.09
C GLY A 193 4.32 -4.19 14.90
N LEU A 194 5.31 -4.25 14.00
CA LEU A 194 6.12 -5.45 13.79
C LEU A 194 6.92 -5.80 15.02
N GLU A 195 7.52 -4.83 15.73
CA GLU A 195 8.17 -5.12 17.02
C GLU A 195 7.16 -5.73 18.01
N TRP A 196 5.93 -5.23 18.07
CA TRP A 196 4.91 -5.79 18.95
C TRP A 196 4.66 -7.24 18.60
N VAL A 197 4.58 -7.55 17.29
CA VAL A 197 4.36 -8.92 16.84
C VAL A 197 5.53 -9.79 17.27
N SER A 198 6.77 -9.35 17.08
CA SER A 198 7.92 -10.15 17.46
C SER A 198 7.91 -10.49 18.96
N ASP A 199 7.58 -9.49 19.77
CA ASP A 199 7.53 -9.66 21.21
C ASP A 199 6.35 -10.42 21.73
N ASN A 200 5.19 -10.35 21.09
CA ASN A 200 3.97 -10.87 21.68
C ASN A 200 3.20 -11.93 20.93
N ILE A 201 3.46 -12.19 19.65
CA ILE A 201 2.59 -13.07 18.89
C ILE A 201 2.63 -14.52 19.35
N ALA A 202 3.73 -14.97 19.98
CA ALA A 202 3.80 -16.33 20.48
C ALA A 202 2.70 -16.60 21.49
N ASN A 203 2.22 -15.57 22.21
CA ASN A 203 1.15 -15.72 23.21
C ASN A 203 -0.17 -16.06 22.56
N PHE A 204 -0.29 -15.79 21.25
CA PHE A 204 -1.50 -16.08 20.51
C PHE A 204 -1.36 -17.36 19.70
N GLY A 205 -0.24 -18.06 19.69
CA GLY A 205 -0.09 -19.27 18.90
C GLY A 205 0.66 -19.02 17.61
N GLY A 206 1.24 -17.83 17.46
CA GLY A 206 1.96 -17.53 16.23
C GLY A 206 3.44 -17.78 16.42
N ASP A 207 4.15 -17.94 15.31
CA ASP A 207 5.57 -18.15 15.32
C ASP A 207 6.30 -16.83 15.03
N PRO A 208 6.99 -16.14 15.97
CA PRO A 208 7.79 -14.94 15.71
C PRO A 208 8.96 -15.14 14.73
N ASP A 209 9.31 -16.39 14.47
CA ASP A 209 10.34 -16.74 13.51
C ASP A 209 9.82 -17.05 12.12
N LYS A 210 8.54 -16.87 11.84
CA LYS A 210 8.07 -17.05 10.49
C LYS A 210 6.95 -16.04 10.27
N VAL A 211 7.36 -14.81 9.91
CA VAL A 211 6.41 -13.71 9.77
C VAL A 211 6.53 -13.21 8.32
N MET A 212 5.40 -13.06 7.65
CA MET A 212 5.34 -12.57 6.28
C MET A 212 4.66 -11.21 6.32
N ILE A 213 5.18 -10.15 5.72
CA ILE A 213 4.45 -8.88 5.68
C ILE A 213 3.94 -8.73 4.25
N PHE A 214 2.73 -8.24 4.06
CA PHE A 214 2.21 -8.04 2.73
C PHE A 214 1.21 -6.90 2.74
N GLY A 215 0.94 -6.32 1.58
CA GLY A 215 0.01 -5.22 1.52
C GLY A 215 -0.19 -4.85 0.06
N GLU A 216 -1.10 -3.90 -0.15
CA GLU A 216 -1.48 -3.49 -1.50
C GLU A 216 -1.47 -1.97 -1.61
N SER A 217 -1.14 -1.46 -2.81
CA SER A 217 -1.04 -0.05 -3.16
C SER A 217 -0.12 0.64 -2.16
N ALA A 218 -0.53 1.64 -1.37
CA ALA A 218 0.38 2.30 -0.45
C ALA A 218 0.88 1.32 0.59
N GLY A 219 0.15 0.22 0.87
CA GLY A 219 0.63 -0.82 1.77
C GLY A 219 1.74 -1.61 1.13
N ALA A 220 1.72 -1.87 -0.19
CA ALA A 220 2.82 -2.57 -0.82
C ALA A 220 4.02 -1.62 -0.95
N MET A 221 3.79 -0.33 -1.24
CA MET A 221 4.85 0.68 -1.23
C MET A 221 5.49 0.71 0.17
N SER A 222 4.67 0.60 1.23
CA SER A 222 5.19 0.52 2.60
C SER A 222 6.02 -0.72 2.82
N VAL A 223 5.59 -1.90 2.33
CA VAL A 223 6.39 -3.12 2.47
C VAL A 223 7.73 -2.94 1.76
N ALA A 224 7.75 -2.30 0.58
CA ALA A 224 9.03 -2.12 -0.11
C ALA A 224 9.93 -1.23 0.74
N HIS A 225 9.39 -0.21 1.42
CA HIS A 225 10.24 0.63 2.25
C HIS A 225 10.64 -0.10 3.53
N GLN A 226 9.86 -1.06 4.03
CA GLN A 226 10.31 -1.85 5.17
C GLN A 226 11.49 -2.74 4.76
N LEU A 227 11.55 -3.23 3.51
CA LEU A 227 12.67 -4.03 3.05
C LEU A 227 13.96 -3.22 3.02
N ILE A 228 13.96 -1.92 2.73
CA ILE A 228 15.20 -1.15 2.74
C ILE A 228 15.35 -0.28 3.99
N ALA A 229 14.46 -0.42 4.98
CA ALA A 229 14.51 0.40 6.19
C ALA A 229 15.85 0.22 6.85
N TYR A 230 16.48 1.30 7.28
CA TYR A 230 17.84 1.30 7.85
C TYR A 230 18.84 0.55 6.97
N GLY A 231 18.68 0.66 5.65
CA GLY A 231 19.60 0.03 4.74
C GLY A 231 19.51 -1.48 4.73
N GLY A 232 18.35 -2.02 5.08
CA GLY A 232 18.13 -3.45 5.02
C GLY A 232 18.25 -4.12 6.37
N ASP A 233 18.36 -3.35 7.45
CA ASP A 233 18.45 -3.98 8.73
C ASP A 233 17.03 -4.12 9.28
N ASN A 234 16.49 -5.34 9.17
CA ASN A 234 15.16 -5.59 9.69
C ASN A 234 15.26 -6.33 11.03
N THR A 235 16.31 -6.10 11.84
CA THR A 235 16.43 -6.78 13.12
C THR A 235 15.96 -5.86 14.23
N TYR A 236 15.49 -6.46 15.32
CA TYR A 236 15.02 -5.75 16.49
C TYR A 236 15.56 -6.59 17.63
N ASN A 237 16.51 -6.02 18.40
CA ASN A 237 17.16 -6.70 19.53
C ASN A 237 17.70 -8.09 19.19
N GLY A 238 18.31 -8.16 18.02
CA GLY A 238 18.92 -9.38 17.53
C GLY A 238 18.00 -10.23 16.66
N LYS A 239 16.69 -10.05 16.77
CA LYS A 239 15.75 -10.89 16.04
C LYS A 239 15.26 -10.29 14.73
N LYS A 240 15.13 -11.07 13.65
CA LYS A 240 14.55 -10.57 12.40
C LYS A 240 13.05 -10.37 12.60
N LEU A 241 12.58 -9.21 12.19
CA LEU A 241 11.17 -8.85 12.26
C LEU A 241 10.26 -9.55 11.25
N PHE A 242 10.77 -9.93 10.09
CA PHE A 242 9.95 -10.62 9.10
C PHE A 242 10.90 -11.43 8.24
N HIS A 243 10.35 -12.43 7.56
CA HIS A 243 11.13 -13.46 6.90
C HIS A 243 10.68 -13.63 5.45
N SER A 244 9.65 -12.94 4.96
CA SER A 244 9.25 -13.00 3.56
C SER A 244 8.27 -11.86 3.34
N ALA A 245 7.93 -11.51 2.11
CA ALA A 245 7.04 -10.39 1.86
C ALA A 245 6.24 -10.59 0.58
N ILE A 246 5.05 -10.01 0.46
CA ILE A 246 4.30 -10.00 -0.78
C ILE A 246 3.89 -8.56 -1.05
N LEU A 247 4.08 -8.07 -2.27
CA LEU A 247 3.76 -6.70 -2.60
C LEU A 247 2.75 -6.74 -3.75
N GLN A 248 1.54 -6.29 -3.44
CA GLN A 248 0.46 -6.23 -4.39
C GLN A 248 0.37 -4.81 -4.93
N SER A 249 0.79 -4.64 -6.18
CA SER A 249 0.70 -3.34 -6.83
C SER A 249 1.37 -2.18 -6.07
N GLY A 250 2.65 -2.31 -5.79
CA GLY A 250 3.36 -1.20 -5.20
C GLY A 250 4.81 -1.58 -5.03
N GLY A 251 5.69 -0.60 -5.01
CA GLY A 251 7.09 -0.90 -4.87
C GLY A 251 7.75 0.37 -4.35
N PRO A 252 9.08 0.48 -4.47
CA PRO A 252 9.80 1.67 -4.01
C PRO A 252 9.35 2.88 -4.82
N LEU A 253 9.57 4.05 -4.24
CA LEU A 253 9.19 5.28 -4.88
C LEU A 253 10.45 5.89 -5.46
N PRO A 254 10.39 6.58 -6.60
CA PRO A 254 11.56 7.06 -7.34
C PRO A 254 12.25 8.33 -6.82
N TYR A 255 11.76 8.90 -5.72
CA TYR A 255 12.26 10.15 -5.16
C TYR A 255 13.66 10.00 -4.61
N HIS A 256 14.47 11.05 -4.72
CA HIS A 256 15.77 11.03 -4.08
C HIS A 256 15.82 12.11 -3.02
N ASP A 257 14.72 12.86 -2.90
CA ASP A 257 14.61 13.99 -1.99
C ASP A 257 13.16 14.03 -1.54
N SER A 258 12.80 14.92 -0.63
CA SER A 258 11.44 15.07 -0.16
C SER A 258 10.55 15.86 -1.13
N SER A 259 10.41 15.43 -2.39
CA SER A 259 9.59 16.22 -3.30
C SER A 259 8.13 15.78 -3.28
N SER A 260 7.26 16.59 -3.87
CA SER A 260 5.86 16.28 -3.95
C SER A 260 5.34 16.82 -5.28
N VAL A 261 4.12 16.44 -5.58
CA VAL A 261 3.43 16.94 -6.74
C VAL A 261 3.35 18.48 -6.77
N GLY A 262 3.46 19.03 -7.99
CA GLY A 262 3.22 20.43 -8.21
C GLY A 262 4.31 21.41 -7.80
N PRO A 263 4.02 22.70 -8.01
CA PRO A 263 4.94 23.80 -7.76
C PRO A 263 5.28 24.15 -6.32
N ASP A 264 4.53 23.65 -5.34
CA ASP A 264 4.75 24.06 -3.95
C ASP A 264 5.10 22.89 -3.07
N ILE A 265 5.74 23.18 -1.94
CA ILE A 265 6.08 22.17 -0.96
C ILE A 265 4.78 21.73 -0.26
N SER A 266 4.58 20.43 -0.03
CA SER A 266 3.33 19.94 0.51
C SER A 266 3.06 20.51 1.89
N TYR A 267 4.10 20.61 2.71
CA TYR A 267 3.97 21.15 4.07
C TYR A 267 3.39 22.55 4.05
N ASN A 268 3.94 23.40 3.16
CA ASN A 268 3.49 24.77 3.04
C ASN A 268 2.02 24.87 2.65
N ARG A 269 1.56 24.04 1.70
CA ARG A 269 0.16 24.03 1.30
C ARG A 269 -0.72 23.58 2.44
N PHE A 270 -0.36 22.50 3.15
CA PHE A 270 -1.18 22.00 4.23
C PHE A 270 -1.26 23.03 5.36
N ALA A 271 -0.15 23.67 5.71
CA ALA A 271 -0.14 24.68 6.76
C ALA A 271 -1.07 25.82 6.39
N GLN A 272 -1.05 26.21 5.12
CA GLN A 272 -1.89 27.26 4.61
C GLN A 272 -3.35 26.86 4.68
N TYR A 273 -3.72 25.63 4.30
CA TYR A 273 -5.11 25.24 4.37
C TYR A 273 -5.56 25.10 5.81
N ALA A 274 -4.66 24.85 6.75
CA ALA A 274 -5.05 24.70 8.15
C ALA A 274 -5.25 26.05 8.82
N GLY A 275 -4.90 27.13 8.12
CA GLY A 275 -5.06 28.47 8.64
C GLY A 275 -3.83 28.92 9.40
N CYS A 276 -2.67 28.31 9.21
CA CYS A 276 -1.48 28.77 9.89
C CYS A 276 -0.80 29.81 9.01
N ASP A 277 -0.05 30.71 9.62
CA ASP A 277 0.61 31.76 8.86
C ASP A 277 1.93 31.19 8.36
N THR A 278 2.10 31.06 7.05
CA THR A 278 3.29 30.46 6.48
C THR A 278 4.47 31.43 6.43
N SER A 279 4.33 32.66 6.95
CA SER A 279 5.47 33.53 6.99
C SER A 279 6.17 33.45 8.32
N ALA A 280 5.63 32.70 9.29
CA ALA A 280 6.28 32.52 10.58
C ALA A 280 7.42 31.54 10.39
N SER A 281 8.25 31.39 11.42
CA SER A 281 9.36 30.46 11.36
C SER A 281 8.86 29.03 11.27
N ALA A 282 9.74 28.10 10.90
CA ALA A 282 9.39 26.70 10.78
C ALA A 282 8.85 26.16 12.10
N ASN A 283 9.51 26.41 13.24
CA ASN A 283 9.04 25.91 14.52
C ASN A 283 7.68 26.48 14.87
N ASP A 284 7.44 27.74 14.53
CA ASP A 284 6.16 28.33 14.81
C ASP A 284 5.07 27.74 13.96
N THR A 285 5.29 27.44 12.67
CA THR A 285 4.23 26.83 11.89
C THR A 285 3.88 25.45 12.45
N LEU A 286 4.85 24.69 12.92
CA LEU A 286 4.58 23.35 13.43
C LEU A 286 3.83 23.47 14.74
N GLU A 287 4.16 24.47 15.55
CA GLU A 287 3.44 24.68 16.80
C GLU A 287 1.99 25.04 16.50
N CYS A 288 1.74 25.84 15.46
CA CYS A 288 0.40 26.20 15.03
C CYS A 288 -0.38 24.95 14.59
N LEU A 289 0.25 24.06 13.80
CA LEU A 289 -0.40 22.83 13.36
C LEU A 289 -0.71 21.92 14.54
N ARG A 290 0.16 21.85 15.55
CA ARG A 290 -0.11 21.04 16.72
C ARG A 290 -1.20 21.63 17.60
N SER A 291 -1.62 22.88 17.40
CA SER A 291 -2.69 23.46 18.20
C SER A 291 -4.06 23.37 17.56
N LYS A 292 -4.15 23.00 16.27
CA LYS A 292 -5.44 22.95 15.57
C LYS A 292 -6.27 21.74 15.97
N SER A 293 -7.59 21.83 15.90
CA SER A 293 -8.41 20.67 16.18
C SER A 293 -8.25 19.64 15.06
N SER A 294 -8.59 18.40 15.33
CA SER A 294 -8.60 17.36 14.31
C SER A 294 -9.53 17.74 13.17
N SER A 295 -10.72 18.35 13.38
CA SER A 295 -11.58 18.67 12.26
C SER A 295 -10.91 19.66 11.31
N VAL A 296 -10.16 20.64 11.87
CA VAL A 296 -9.48 21.64 11.03
C VAL A 296 -8.40 20.94 10.21
N LEU A 297 -7.63 20.03 10.82
CA LEU A 297 -6.59 19.35 10.07
C LEU A 297 -7.16 18.38 9.06
N HIS A 298 -8.31 17.79 9.38
CA HIS A 298 -9.01 16.94 8.42
C HIS A 298 -9.45 17.76 7.20
N ASP A 299 -10.05 18.93 7.38
CA ASP A 299 -10.47 19.77 6.26
C ASP A 299 -9.27 20.20 5.43
N ALA A 300 -8.17 20.51 6.08
CA ALA A 300 -6.93 20.87 5.40
C ALA A 300 -6.39 19.71 4.56
N GLN A 301 -6.47 18.49 5.07
CA GLN A 301 -6.03 17.30 4.35
C GLN A 301 -6.92 17.06 3.15
N ASN A 302 -8.24 17.26 3.34
N ASN A 302 -8.22 17.22 3.34
CA ASN A 302 -9.20 17.11 2.27
CA ASN A 302 -9.17 17.07 2.27
C ASN A 302 -8.96 18.15 1.19
C ASN A 302 -9.01 18.15 1.21
N SER A 303 -8.65 19.39 1.54
CA SER A 303 -8.35 20.43 0.55
C SER A 303 -7.08 20.07 -0.21
N TYR A 304 -6.03 19.57 0.43
CA TYR A 304 -4.83 19.17 -0.30
C TYR A 304 -5.18 18.06 -1.30
N ASP A 305 -5.95 17.05 -0.88
CA ASP A 305 -6.35 15.99 -1.78
C ASP A 305 -7.11 16.52 -2.99
N LEU A 306 -8.17 17.26 -2.79
CA LEU A 306 -8.94 17.77 -3.90
C LEU A 306 -8.21 18.80 -4.75
N LYS A 307 -7.45 19.73 -4.17
CA LYS A 307 -6.81 20.77 -4.95
C LYS A 307 -5.44 20.39 -5.52
N ASP A 308 -4.64 19.67 -4.75
CA ASP A 308 -3.29 19.36 -5.17
C ASP A 308 -3.12 17.94 -5.70
N LEU A 309 -3.90 16.97 -5.24
CA LEU A 309 -3.81 15.64 -5.84
C LEU A 309 -5.00 15.42 -6.78
N PHE A 310 -5.83 16.45 -6.99
CA PHE A 310 -7.01 16.43 -7.85
C PHE A 310 -7.99 15.31 -7.57
N GLY A 311 -8.07 14.94 -6.29
CA GLY A 311 -8.94 13.89 -5.77
C GLY A 311 -8.54 12.48 -6.18
N LEU A 312 -7.55 12.27 -7.07
CA LEU A 312 -7.30 10.92 -7.56
C LEU A 312 -5.88 10.45 -7.47
N LEU A 313 -4.88 11.34 -7.45
CA LEU A 313 -3.49 10.88 -7.53
C LEU A 313 -3.06 10.13 -6.27
N PRO A 314 -2.23 9.08 -6.33
CA PRO A 314 -1.79 8.29 -5.18
C PRO A 314 -1.30 9.23 -4.07
N GLN A 315 -1.82 9.03 -2.85
CA GLN A 315 -1.51 9.87 -1.70
C GLN A 315 -0.01 9.99 -1.41
N PHE A 316 0.81 8.94 -1.61
CA PHE A 316 2.23 9.05 -1.30
C PHE A 316 2.96 10.00 -2.25
N LEU A 317 2.33 10.54 -3.30
CA LEU A 317 3.02 11.52 -4.13
C LEU A 317 3.00 12.91 -3.47
N GLY A 318 2.15 13.06 -2.45
CA GLY A 318 2.06 14.30 -1.72
C GLY A 318 2.76 14.13 -0.40
N PHE A 319 2.18 13.35 0.51
CA PHE A 319 2.79 13.11 1.82
C PHE A 319 3.07 11.62 1.82
N GLY A 320 4.33 11.25 1.89
CA GLY A 320 4.69 9.85 1.79
C GLY A 320 6.11 9.63 2.23
N PRO A 321 6.61 8.39 2.21
CA PRO A 321 7.97 8.02 2.57
C PRO A 321 8.98 8.78 1.73
N ARG A 322 9.97 9.39 2.34
CA ARG A 322 11.03 10.12 1.65
C ARG A 322 12.36 9.87 2.35
N PRO A 323 13.52 9.94 1.67
CA PRO A 323 14.84 9.80 2.30
C PRO A 323 14.96 10.81 3.42
N ASP A 324 15.43 10.30 4.56
CA ASP A 324 15.62 11.18 5.71
C ASP A 324 16.95 10.96 6.39
N GLY A 325 17.77 10.09 5.82
CA GLY A 325 19.09 9.79 6.37
C GLY A 325 19.06 8.82 7.55
N ASN A 326 17.90 8.34 7.99
CA ASN A 326 17.82 7.43 9.11
C ASN A 326 16.99 6.22 8.73
N ILE A 327 15.65 6.16 8.87
CA ILE A 327 14.97 4.93 8.50
C ILE A 327 15.05 4.74 6.99
N ILE A 328 15.10 5.77 6.15
CA ILE A 328 15.32 5.61 4.70
C ILE A 328 16.61 6.39 4.47
N PRO A 329 17.79 5.75 4.52
CA PRO A 329 19.06 6.44 4.47
C PRO A 329 19.43 7.03 3.12
N ASP A 330 18.85 6.58 2.01
CA ASP A 330 19.19 7.10 0.69
C ASP A 330 17.99 6.85 -0.22
N ALA A 331 18.00 7.27 -1.49
CA ALA A 331 16.89 7.02 -2.38
C ALA A 331 16.58 5.52 -2.42
N ALA A 332 15.32 5.15 -2.38
CA ALA A 332 14.87 3.77 -2.36
C ALA A 332 15.42 2.91 -3.50
N TYR A 333 15.41 3.44 -4.73
CA TYR A 333 15.93 2.69 -5.85
C TYR A 333 17.40 2.38 -5.66
N GLU A 334 18.15 3.33 -5.13
CA GLU A 334 19.58 3.13 -4.95
C GLU A 334 19.87 2.17 -3.81
N LEU A 335 19.06 2.16 -2.75
CA LEU A 335 19.25 1.17 -1.70
C LEU A 335 19.03 -0.25 -2.25
N PHE A 336 18.02 -0.49 -3.10
CA PHE A 336 17.82 -1.82 -3.67
C PHE A 336 19.00 -2.20 -4.57
N ARG A 337 19.45 -1.30 -5.43
CA ARG A 337 20.55 -1.59 -6.32
C ARG A 337 21.89 -1.75 -5.64
N SER A 338 22.14 -1.17 -4.45
CA SER A 338 23.40 -1.43 -3.82
C SER A 338 23.29 -2.59 -2.85
N GLY A 339 22.22 -3.39 -2.83
CA GLY A 339 22.16 -4.55 -1.96
C GLY A 339 21.83 -4.19 -0.51
N ARG A 340 21.35 -2.99 -0.23
CA ARG A 340 21.02 -2.57 1.12
C ARG A 340 19.53 -2.82 1.37
N TYR A 341 19.15 -4.09 1.29
CA TYR A 341 17.78 -4.50 1.54
C TYR A 341 17.79 -5.81 2.33
N ALA A 342 16.71 -6.06 3.08
CA ALA A 342 16.55 -7.26 3.89
C ALA A 342 16.52 -8.47 2.95
N LYS A 343 17.30 -9.51 3.23
CA LYS A 343 17.41 -10.64 2.35
C LYS A 343 16.33 -11.66 2.57
N VAL A 344 15.10 -11.35 2.16
CA VAL A 344 13.98 -12.27 2.30
C VAL A 344 13.36 -12.59 0.93
N PRO A 345 12.78 -13.78 0.71
CA PRO A 345 12.07 -14.09 -0.53
C PRO A 345 10.81 -13.24 -0.62
N TYR A 346 10.34 -12.92 -1.81
CA TYR A 346 9.10 -12.19 -1.93
C TYR A 346 8.35 -12.49 -3.25
N ILE A 347 7.09 -12.12 -3.29
CA ILE A 347 6.25 -12.18 -4.49
C ILE A 347 5.93 -10.70 -4.77
N SER A 348 6.01 -10.20 -6.00
CA SER A 348 5.60 -8.85 -6.30
C SER A 348 4.75 -8.94 -7.55
N GLY A 349 3.58 -8.33 -7.66
CA GLY A 349 2.85 -8.41 -8.93
C GLY A 349 2.01 -7.18 -9.16
N ASN A 350 1.33 -7.17 -10.32
CA ASN A 350 0.50 -6.04 -10.71
C ASN A 350 -0.77 -6.53 -11.37
N GLN A 351 -1.77 -5.67 -11.32
CA GLN A 351 -2.99 -5.79 -12.09
C GLN A 351 -2.65 -5.28 -13.52
N GLU A 352 -3.25 -5.78 -14.60
CA GLU A 352 -2.83 -5.35 -15.92
C GLU A 352 -2.92 -3.86 -16.19
N ASP A 353 -3.96 -3.18 -15.70
CA ASP A 353 -4.23 -1.78 -16.01
C ASP A 353 -4.16 -0.88 -14.76
N GLU A 354 -2.97 -0.75 -14.20
CA GLU A 354 -2.81 -0.01 -12.95
C GLU A 354 -3.13 1.46 -13.06
N GLY A 355 -2.93 2.06 -14.25
CA GLY A 355 -3.09 3.49 -14.36
C GLY A 355 -4.45 4.01 -14.73
N THR A 356 -5.46 3.20 -15.08
CA THR A 356 -6.71 3.70 -15.61
C THR A 356 -7.55 4.48 -14.60
N ALA A 357 -7.48 4.13 -13.31
CA ALA A 357 -8.26 4.84 -12.32
C ALA A 357 -7.64 6.21 -12.02
N PHE A 358 -6.37 6.41 -12.35
CA PHE A 358 -5.70 7.70 -12.11
C PHE A 358 -5.72 8.62 -13.33
N ALA A 359 -5.81 8.04 -14.52
CA ALA A 359 -5.85 8.80 -15.76
C ALA A 359 -6.95 9.86 -15.88
N PRO A 360 -8.17 9.77 -15.34
CA PRO A 360 -9.15 10.84 -15.36
C PRO A 360 -8.66 12.15 -14.78
N VAL A 361 -7.53 12.24 -14.06
CA VAL A 361 -7.03 13.56 -13.68
C VAL A 361 -6.73 14.40 -14.93
N ALA A 362 -6.32 13.78 -16.04
CA ALA A 362 -5.94 14.51 -17.22
C ALA A 362 -7.02 14.39 -18.29
N LEU A 363 -8.27 14.36 -17.87
CA LEU A 363 -9.41 14.19 -18.77
C LEU A 363 -9.56 15.30 -19.80
N ASN A 364 -9.07 16.50 -19.51
CA ASN A 364 -9.18 17.62 -20.44
C ASN A 364 -8.07 17.67 -21.50
N ALA A 365 -7.16 16.72 -21.48
CA ALA A 365 -6.06 16.73 -22.42
C ALA A 365 -6.44 16.08 -23.74
N THR A 366 -6.39 16.80 -24.87
CA THR A 366 -6.61 16.14 -26.14
C THR A 366 -5.38 16.06 -27.03
N THR A 367 -4.33 16.84 -26.78
CA THR A 367 -3.14 16.83 -27.61
C THR A 367 -1.92 16.50 -26.77
N THR A 368 -0.80 16.17 -27.43
CA THR A 368 0.46 15.88 -26.74
C THR A 368 0.94 17.07 -25.89
N PRO A 369 0.90 18.35 -26.29
CA PRO A 369 1.21 19.49 -25.41
C PRO A 369 0.43 19.47 -24.10
N HIS A 370 -0.85 19.06 -24.14
CA HIS A 370 -1.67 19.04 -22.94
C HIS A 370 -1.20 17.95 -21.97
N VAL A 371 -0.78 16.80 -22.50
CA VAL A 371 -0.29 15.71 -21.67
C VAL A 371 1.06 16.12 -21.07
N LYS A 372 1.92 16.76 -21.86
CA LYS A 372 3.21 17.24 -21.37
C LYS A 372 3.03 18.18 -20.17
N LYS A 373 2.10 19.11 -20.25
CA LYS A 373 1.77 20.01 -19.14
C LYS A 373 1.33 19.24 -17.91
N TRP A 374 0.45 18.23 -18.00
CA TRP A 374 0.08 17.47 -16.82
C TRP A 374 1.25 16.69 -16.26
N LEU A 375 2.15 16.18 -17.08
CA LEU A 375 3.28 15.43 -16.58
C LEU A 375 4.26 16.39 -15.92
N GLN A 376 4.39 17.61 -16.43
CA GLN A 376 5.25 18.64 -15.85
C GLN A 376 4.74 19.08 -14.47
N TYR A 377 3.43 18.97 -14.20
CA TYR A 377 2.90 19.25 -12.86
C TYR A 377 3.20 18.12 -11.91
N ILE A 378 2.85 16.89 -12.29
CA ILE A 378 3.01 15.76 -11.38
C ILE A 378 4.48 15.57 -11.08
N PHE A 379 5.36 15.69 -12.06
N PHE A 379 5.40 15.60 -12.03
CA PHE A 379 6.79 15.51 -11.88
CA PHE A 379 6.81 15.53 -11.69
C PHE A 379 7.43 16.87 -12.14
C PHE A 379 7.44 16.85 -12.12
N TYR A 380 7.24 17.77 -11.17
CA TYR A 380 7.65 19.15 -11.33
C TYR A 380 9.12 19.44 -11.55
N ASP A 381 10.03 18.61 -11.07
CA ASP A 381 11.44 18.87 -11.27
C ASP A 381 12.01 18.04 -12.41
N ALA A 382 11.16 17.37 -13.18
CA ALA A 382 11.65 16.55 -14.28
C ALA A 382 12.24 17.44 -15.37
N SER A 383 13.31 16.99 -16.01
CA SER A 383 13.85 17.80 -17.08
C SER A 383 12.89 17.69 -18.27
N GLU A 384 12.76 18.76 -19.04
CA GLU A 384 11.89 18.76 -20.20
C GLU A 384 12.29 17.65 -21.19
N ALA A 385 13.59 17.42 -21.40
CA ALA A 385 14.04 16.35 -22.30
C ALA A 385 13.56 14.98 -21.84
N SER A 386 13.57 14.71 -20.53
CA SER A 386 13.09 13.44 -20.01
C SER A 386 11.61 13.24 -20.28
N ILE A 387 10.82 14.32 -20.17
CA ILE A 387 9.41 14.19 -20.43
C ILE A 387 9.16 13.96 -21.91
N ASP A 388 9.88 14.69 -22.74
CA ASP A 388 9.77 14.49 -24.18
C ASP A 388 10.09 13.05 -24.59
N ARG A 389 11.07 12.41 -23.97
CA ARG A 389 11.35 11.03 -24.29
C ARG A 389 10.24 10.08 -23.85
N VAL A 390 9.58 10.31 -22.71
CA VAL A 390 8.46 9.48 -22.29
C VAL A 390 7.36 9.57 -23.33
N LEU A 391 7.07 10.79 -23.80
CA LEU A 391 6.02 10.99 -24.77
C LEU A 391 6.34 10.37 -26.12
N SER A 392 7.61 10.15 -26.47
CA SER A 392 7.87 9.44 -27.71
C SER A 392 7.79 7.94 -27.47
N LEU A 393 8.11 7.46 -26.26
CA LEU A 393 8.03 6.04 -25.99
C LEU A 393 6.60 5.56 -25.75
N TYR A 394 5.69 6.45 -25.35
CA TYR A 394 4.30 6.10 -25.13
C TYR A 394 3.50 6.98 -26.09
N PRO A 395 3.20 6.53 -27.32
CA PRO A 395 2.54 7.38 -28.32
C PRO A 395 1.03 7.47 -28.07
N GLN A 396 0.29 8.35 -28.74
CA GLN A 396 -1.14 8.42 -28.55
C GLN A 396 -1.93 7.32 -29.26
N THR A 397 -1.23 6.47 -30.04
CA THR A 397 -1.83 5.37 -30.79
C THR A 397 -2.77 4.60 -29.86
N LEU A 398 -4.07 4.55 -30.20
CA LEU A 398 -5.06 3.99 -29.30
C LEU A 398 -4.88 2.53 -28.92
N SER A 399 -4.39 1.68 -29.81
CA SER A 399 -4.30 0.27 -29.51
C SER A 399 -3.18 -0.11 -28.55
N VAL A 400 -2.14 0.74 -28.39
CA VAL A 400 -1.04 0.37 -27.53
C VAL A 400 -1.21 0.94 -26.12
N GLY A 401 -2.21 1.78 -25.87
CA GLY A 401 -2.41 2.31 -24.51
C GLY A 401 -3.24 1.37 -23.65
N SER A 402 -3.63 1.83 -22.46
CA SER A 402 -4.34 1.03 -21.49
C SER A 402 -5.80 1.48 -21.34
N PRO A 403 -6.85 0.68 -21.14
CA PRO A 403 -6.82 -0.76 -20.96
C PRO A 403 -6.05 -1.51 -22.06
N PHE A 404 -5.02 -2.25 -21.68
CA PHE A 404 -4.14 -2.89 -22.63
C PHE A 404 -4.86 -4.01 -23.38
N ARG A 405 -4.40 -4.17 -24.62
CA ARG A 405 -4.87 -5.20 -25.52
C ARG A 405 -6.34 -5.04 -25.80
N THR A 406 -6.87 -3.81 -25.95
CA THR A 406 -8.27 -3.65 -26.29
C THR A 406 -8.49 -2.90 -27.62
N GLY A 407 -7.45 -2.79 -28.43
CA GLY A 407 -7.56 -2.18 -29.75
C GLY A 407 -7.99 -0.72 -29.69
N ILE A 408 -9.00 -0.35 -30.47
CA ILE A 408 -9.44 1.04 -30.51
C ILE A 408 -10.58 1.28 -29.55
N LEU A 409 -10.94 0.32 -28.69
CA LEU A 409 -12.01 0.55 -27.72
C LEU A 409 -11.42 1.29 -26.52
N ASN A 410 -12.30 1.85 -25.71
CA ASN A 410 -11.99 2.47 -24.40
C ASN A 410 -11.28 3.80 -24.54
N ALA A 411 -11.31 4.43 -25.72
CA ALA A 411 -10.62 5.70 -25.87
C ALA A 411 -11.57 6.78 -25.40
N LEU A 412 -11.68 6.94 -24.08
CA LEU A 412 -12.59 7.94 -23.51
C LEU A 412 -12.30 9.35 -24.03
N THR A 413 -11.03 9.65 -24.28
CA THR A 413 -10.59 10.91 -24.86
C THR A 413 -9.47 10.46 -25.82
N PRO A 414 -8.91 11.33 -26.71
CA PRO A 414 -7.78 11.03 -27.56
C PRO A 414 -6.55 10.60 -26.79
N GLN A 415 -6.40 11.08 -25.54
CA GLN A 415 -5.20 10.81 -24.78
C GLN A 415 -5.42 9.91 -23.57
N PHE A 416 -6.65 9.51 -23.22
CA PHE A 416 -6.87 8.72 -22.02
C PHE A 416 -6.05 7.45 -21.94
N LYS A 417 -6.01 6.60 -22.98
CA LYS A 417 -5.27 5.34 -22.92
C LYS A 417 -3.78 5.55 -22.81
N ARG A 418 -3.27 6.64 -23.40
CA ARG A 418 -1.85 7.00 -23.31
C ARG A 418 -1.47 7.38 -21.88
N VAL A 419 -2.25 8.27 -21.26
CA VAL A 419 -2.00 8.71 -19.88
C VAL A 419 -2.13 7.49 -18.94
N ALA A 420 -3.15 6.62 -19.14
CA ALA A 420 -3.27 5.40 -18.34
C ALA A 420 -2.06 4.50 -18.49
N ALA A 421 -1.49 4.34 -19.68
CA ALA A 421 -0.28 3.55 -19.83
C ALA A 421 0.92 4.19 -19.13
N ILE A 422 1.12 5.51 -19.27
CA ILE A 422 2.24 6.21 -18.64
C ILE A 422 2.17 6.06 -17.12
N LEU A 423 1.00 6.28 -16.52
CA LEU A 423 0.89 6.23 -15.07
C LEU A 423 1.07 4.81 -14.58
N SER A 424 0.53 3.82 -15.30
CA SER A 424 0.77 2.43 -14.99
C SER A 424 2.25 2.12 -14.87
N ASP A 425 3.01 2.50 -15.91
CA ASP A 425 4.37 2.06 -15.96
C ASP A 425 5.32 2.88 -15.15
N MET A 426 5.06 4.16 -14.98
CA MET A 426 5.91 5.00 -14.19
C MET A 426 5.77 4.70 -12.69
N LEU A 427 4.54 4.58 -12.24
CA LEU A 427 4.28 4.47 -10.80
C LEU A 427 4.23 3.06 -10.25
N PHE A 428 3.94 2.05 -11.09
CA PHE A 428 3.74 0.69 -10.59
C PHE A 428 4.62 -0.33 -11.26
N GLN A 429 4.62 -0.44 -12.61
CA GLN A 429 5.41 -1.49 -13.26
C GLN A 429 6.92 -1.27 -13.18
N SER A 430 7.43 -0.05 -13.33
CA SER A 430 8.86 0.20 -13.23
C SER A 430 9.35 -0.08 -11.80
N PRO A 431 8.75 0.39 -10.70
CA PRO A 431 9.15 0.01 -9.34
C PRO A 431 9.23 -1.49 -9.13
N ARG A 432 8.30 -2.28 -9.72
CA ARG A 432 8.33 -3.74 -9.56
C ARG A 432 9.59 -4.31 -10.23
N ARG A 433 9.86 -3.89 -11.48
CA ARG A 433 11.04 -4.39 -12.18
C ARG A 433 12.34 -3.88 -11.58
N VAL A 434 12.38 -2.70 -10.94
CA VAL A 434 13.59 -2.25 -10.23
C VAL A 434 13.91 -3.27 -9.15
N MET A 435 12.93 -3.71 -8.36
CA MET A 435 13.18 -4.71 -7.32
C MET A 435 13.59 -6.06 -7.90
N LEU A 436 12.82 -6.59 -8.85
CA LEU A 436 13.11 -7.91 -9.39
C LEU A 436 14.50 -8.03 -10.00
N SER A 437 15.01 -7.00 -10.69
CA SER A 437 16.36 -7.13 -11.21
C SER A 437 17.43 -6.80 -10.18
N ALA A 438 17.13 -6.03 -9.14
CA ALA A 438 18.14 -5.68 -8.16
C ALA A 438 18.35 -6.80 -7.16
N THR A 439 17.31 -7.53 -6.77
CA THR A 439 17.47 -8.48 -5.69
C THR A 439 17.78 -9.89 -6.15
N LYS A 440 18.96 -10.04 -6.72
CA LYS A 440 19.34 -11.30 -7.34
C LYS A 440 19.67 -12.44 -6.38
N ASP A 441 19.91 -12.12 -5.10
CA ASP A 441 20.27 -13.18 -4.20
C ASP A 441 19.13 -13.68 -3.34
N VAL A 442 17.87 -13.40 -3.66
CA VAL A 442 16.78 -13.95 -2.88
C VAL A 442 15.84 -14.61 -3.89
N ASN A 443 15.04 -15.59 -3.49
CA ASN A 443 14.04 -16.18 -4.38
C ASN A 443 12.88 -15.22 -4.59
N ARG A 444 12.32 -15.09 -5.80
CA ARG A 444 11.20 -14.20 -6.00
C ARG A 444 10.27 -14.73 -7.04
N TRP A 445 9.02 -14.32 -6.99
CA TRP A 445 7.96 -14.75 -7.90
C TRP A 445 7.22 -13.51 -8.33
N THR A 446 6.66 -13.42 -9.54
CA THR A 446 5.94 -12.22 -9.93
C THR A 446 4.70 -12.66 -10.71
N TYR A 447 3.68 -11.80 -10.72
CA TYR A 447 2.44 -12.10 -11.38
C TYR A 447 1.89 -10.88 -12.09
N LEU A 448 1.08 -11.16 -13.12
CA LEU A 448 0.28 -10.15 -13.79
C LEU A 448 -1.15 -10.68 -13.71
N SER A 449 -2.09 -9.87 -13.22
CA SER A 449 -3.45 -10.33 -13.13
C SER A 449 -4.23 -9.69 -14.29
N THR A 450 -4.84 -10.53 -15.13
CA THR A 450 -5.60 -10.02 -16.27
C THR A 450 -7.06 -10.42 -16.16
N HIS A 451 -7.50 -10.78 -14.96
CA HIS A 451 -8.84 -11.35 -14.81
C HIS A 451 -10.05 -10.48 -15.17
N LEU A 452 -9.98 -9.15 -15.30
CA LEU A 452 -11.15 -8.40 -15.71
C LEU A 452 -10.99 -7.93 -17.17
N HIS A 453 -10.07 -8.52 -17.94
CA HIS A 453 -9.81 -8.08 -19.31
C HIS A 453 -11.11 -8.22 -20.10
N ASN A 454 -11.49 -7.06 -20.63
CA ASN A 454 -12.70 -6.84 -21.43
C ASN A 454 -14.02 -6.93 -20.70
N LEU A 455 -13.99 -7.02 -19.37
CA LEU A 455 -15.22 -7.07 -18.61
C LEU A 455 -15.55 -5.69 -18.10
N VAL A 456 -14.59 -4.77 -17.97
CA VAL A 456 -14.86 -3.45 -17.41
C VAL A 456 -14.35 -2.41 -18.41
N PRO A 457 -15.25 -1.79 -19.18
CA PRO A 457 -14.96 -0.71 -20.11
C PRO A 457 -14.17 0.38 -19.40
N PHE A 458 -13.17 0.93 -20.08
CA PHE A 458 -12.35 2.06 -19.65
C PHE A 458 -11.40 1.77 -18.50
N LEU A 459 -11.76 0.93 -17.51
CA LEU A 459 -10.84 0.61 -16.42
C LEU A 459 -10.05 -0.66 -16.60
N GLY A 460 -10.55 -1.69 -17.30
CA GLY A 460 -9.82 -2.95 -17.43
C GLY A 460 -9.54 -3.58 -16.07
N THR A 461 -8.44 -4.29 -15.86
CA THR A 461 -8.15 -4.92 -14.57
C THR A 461 -7.37 -3.83 -13.80
N PHE A 462 -8.20 -3.05 -13.13
CA PHE A 462 -7.76 -1.82 -12.49
C PHE A 462 -7.14 -1.97 -11.10
N HIS A 463 -6.46 -0.91 -10.72
CA HIS A 463 -5.80 -0.79 -9.43
C HIS A 463 -6.77 -0.99 -8.27
N GLY A 464 -6.42 -1.88 -7.35
CA GLY A 464 -7.22 -2.06 -6.15
C GLY A 464 -8.34 -3.06 -6.30
N ASN A 465 -8.67 -3.54 -7.51
CA ASN A 465 -9.83 -4.39 -7.63
C ASN A 465 -9.70 -5.73 -6.91
N GLU A 466 -8.51 -6.33 -6.81
CA GLU A 466 -8.43 -7.69 -6.31
C GLU A 466 -8.70 -7.80 -4.82
N LEU A 467 -8.65 -6.67 -4.09
CA LEU A 467 -8.98 -6.67 -2.66
C LEU A 467 -10.38 -7.22 -2.40
N ILE A 468 -11.37 -7.05 -3.30
CA ILE A 468 -12.71 -7.56 -3.02
C ILE A 468 -12.69 -9.08 -3.00
N PHE A 469 -11.79 -9.75 -3.74
CA PHE A 469 -11.73 -11.20 -3.76
C PHE A 469 -10.96 -11.74 -2.58
N GLN A 470 -10.08 -10.95 -1.97
CA GLN A 470 -9.33 -11.41 -0.81
C GLN A 470 -10.08 -11.18 0.49
N PHE A 471 -10.87 -10.10 0.54
CA PHE A 471 -11.45 -9.68 1.79
C PHE A 471 -12.95 -9.53 1.75
N ASN A 472 -13.64 -9.76 0.65
CA ASN A 472 -15.07 -9.48 0.61
C ASN A 472 -15.89 -10.61 0.02
N VAL A 473 -15.64 -11.08 -1.20
CA VAL A 473 -16.41 -12.16 -1.79
C VAL A 473 -15.37 -13.07 -2.43
N ASN A 474 -15.41 -14.33 -2.05
CA ASN A 474 -14.38 -15.24 -2.49
C ASN A 474 -14.87 -16.01 -3.70
N ILE A 475 -14.85 -15.24 -4.79
CA ILE A 475 -15.26 -15.66 -6.12
C ILE A 475 -14.14 -15.26 -7.07
N GLY A 476 -14.26 -15.64 -8.35
CA GLY A 476 -13.31 -15.21 -9.38
C GLY A 476 -11.93 -15.75 -9.05
N PRO A 477 -10.86 -14.96 -9.07
CA PRO A 477 -9.50 -15.42 -8.80
C PRO A 477 -9.19 -15.51 -7.29
N ALA A 478 -10.20 -15.49 -6.41
CA ALA A 478 -9.97 -15.54 -4.97
C ALA A 478 -9.09 -16.68 -4.50
N ASN A 479 -9.26 -17.88 -5.07
CA ASN A 479 -8.42 -19.01 -4.71
C ASN A 479 -6.95 -18.79 -5.00
N SER A 480 -6.55 -18.05 -6.05
CA SER A 480 -5.14 -17.77 -6.24
C SER A 480 -4.62 -16.80 -5.20
N TYR A 481 -5.30 -15.70 -4.97
CA TYR A 481 -4.85 -14.71 -3.99
C TYR A 481 -4.88 -15.27 -2.57
N LEU A 482 -5.79 -16.18 -2.23
CA LEU A 482 -5.76 -16.79 -0.91
C LEU A 482 -4.74 -17.92 -0.81
N ARG A 483 -4.81 -18.95 -1.67
CA ARG A 483 -3.99 -20.13 -1.48
C ARG A 483 -2.54 -19.99 -1.82
N TYR A 484 -2.14 -19.31 -2.91
CA TYR A 484 -0.71 -19.17 -3.17
C TYR A 484 -0.07 -18.38 -2.01
N PHE A 485 -0.78 -17.39 -1.45
CA PHE A 485 -0.17 -16.54 -0.44
C PHE A 485 -0.14 -17.29 0.89
N ILE A 486 -1.12 -18.11 1.24
CA ILE A 486 -1.03 -18.95 2.43
C ILE A 486 0.15 -19.92 2.31
N SER A 487 0.29 -20.61 1.15
CA SER A 487 1.42 -21.50 0.95
C SER A 487 2.73 -20.74 1.10
N PHE A 488 2.82 -19.52 0.54
CA PHE A 488 4.04 -18.74 0.66
C PHE A 488 4.33 -18.41 2.13
N ALA A 489 3.34 -18.04 2.94
CA ALA A 489 3.58 -17.72 4.36
C ALA A 489 4.07 -18.95 5.12
N ASN A 490 3.63 -20.14 4.71
CA ASN A 490 4.02 -21.38 5.35
C ASN A 490 5.35 -21.93 4.89
N HIS A 491 5.65 -21.88 3.58
CA HIS A 491 6.80 -22.61 3.05
C HIS A 491 7.75 -21.75 2.25
N HIS A 492 7.46 -20.45 2.13
CA HIS A 492 8.22 -19.51 1.29
C HIS A 492 8.30 -20.01 -0.16
N ASP A 493 7.26 -20.70 -0.59
CA ASP A 493 7.10 -21.20 -1.94
C ASP A 493 5.59 -21.21 -2.12
N PRO A 494 4.95 -20.65 -3.16
CA PRO A 494 3.50 -20.57 -3.32
C PRO A 494 2.84 -21.86 -3.73
N ASN A 495 3.57 -22.95 -3.96
CA ASN A 495 3.01 -24.12 -4.63
C ASN A 495 2.69 -25.31 -3.75
N VAL A 496 2.54 -25.17 -2.44
CA VAL A 496 2.34 -26.32 -1.61
C VAL A 496 0.87 -26.45 -1.26
N GLY A 497 0.27 -27.50 -1.82
CA GLY A 497 -1.09 -27.87 -1.48
C GLY A 497 -2.15 -26.87 -1.91
N THR A 498 -1.94 -26.21 -3.07
CA THR A 498 -2.88 -25.19 -3.50
C THR A 498 -3.97 -25.75 -4.41
N ASN A 499 -3.58 -26.83 -5.11
CA ASN A 499 -4.37 -27.47 -6.16
C ASN A 499 -4.61 -26.42 -7.27
N LEU A 500 -3.57 -25.62 -7.48
CA LEU A 500 -3.58 -24.59 -8.53
C LEU A 500 -2.36 -24.79 -9.42
N LEU A 501 -2.29 -24.09 -10.58
CA LEU A 501 -1.15 -24.20 -11.47
C LEU A 501 0.20 -23.97 -10.78
N GLN A 502 1.21 -24.80 -11.08
CA GLN A 502 2.56 -24.57 -10.61
C GLN A 502 3.02 -23.19 -11.06
N TRP A 503 3.40 -22.32 -10.10
CA TRP A 503 3.91 -20.98 -10.38
C TRP A 503 5.42 -21.03 -10.23
N ASP A 504 6.14 -20.98 -11.35
CA ASP A 504 7.59 -21.08 -11.34
C ASP A 504 8.21 -19.77 -10.88
N GLN A 505 9.30 -19.84 -10.13
CA GLN A 505 9.91 -18.64 -9.64
C GLN A 505 10.56 -17.85 -10.75
N TYR A 506 10.64 -16.55 -10.51
CA TYR A 506 11.28 -15.62 -11.42
C TYR A 506 12.78 -15.84 -11.43
N THR A 507 13.41 -15.93 -12.59
CA THR A 507 14.84 -16.08 -12.63
C THR A 507 15.28 -14.96 -13.53
N ASP A 508 16.53 -14.55 -13.42
CA ASP A 508 17.04 -13.54 -14.32
C ASP A 508 17.14 -14.14 -15.72
N GLU A 509 17.43 -15.45 -15.86
CA GLU A 509 17.53 -16.04 -17.18
C GLU A 509 16.17 -16.14 -17.89
N GLY A 510 15.12 -16.72 -17.28
CA GLY A 510 13.83 -16.85 -17.94
C GLY A 510 12.75 -15.83 -17.66
N LYS A 511 12.86 -14.96 -16.64
CA LYS A 511 11.85 -13.97 -16.28
C LYS A 511 10.39 -14.48 -16.20
N GLU A 512 10.27 -15.60 -15.51
CA GLU A 512 9.00 -16.31 -15.40
C GLU A 512 8.01 -15.50 -14.59
N MET A 513 6.75 -15.51 -15.00
CA MET A 513 5.70 -14.73 -14.40
C MET A 513 4.39 -15.48 -14.46
N LEU A 514 3.61 -15.51 -13.39
CA LEU A 514 2.28 -16.08 -13.46
C LEU A 514 1.25 -15.10 -14.03
N GLU A 515 0.37 -15.52 -14.94
CA GLU A 515 -0.72 -14.68 -15.39
C GLU A 515 -2.01 -15.24 -14.81
N ILE A 516 -2.71 -14.44 -13.98
CA ILE A 516 -3.90 -14.86 -13.25
C ILE A 516 -5.14 -14.45 -14.01
N HIS A 517 -6.02 -15.41 -14.33
CA HIS A 517 -7.29 -15.12 -15.01
C HIS A 517 -8.42 -15.40 -14.04
N MET A 518 -9.67 -15.24 -14.46
CA MET A 518 -10.82 -15.42 -13.62
C MET A 518 -10.92 -16.83 -13.06
N THR A 519 -10.68 -17.86 -13.88
CA THR A 519 -10.83 -19.22 -13.39
C THR A 519 -9.60 -20.07 -13.52
N ASP A 520 -8.58 -19.65 -14.26
CA ASP A 520 -7.43 -20.49 -14.52
C ASP A 520 -6.24 -19.56 -14.56
N ASN A 521 -5.04 -20.10 -14.50
CA ASN A 521 -3.84 -19.29 -14.52
C ASN A 521 -2.97 -19.91 -15.57
N VAL A 522 -1.99 -19.17 -16.08
CA VAL A 522 -1.09 -19.71 -17.09
C VAL A 522 0.27 -19.09 -16.87
N MET A 523 1.39 -19.75 -17.15
CA MET A 523 2.67 -19.12 -16.97
C MET A 523 3.01 -18.29 -18.20
N ARG A 524 3.68 -17.17 -18.04
CA ARG A 524 4.09 -16.31 -19.13
C ARG A 524 5.47 -15.75 -18.77
N THR A 525 5.97 -14.70 -19.42
CA THR A 525 7.23 -14.13 -19.02
C THR A 525 7.01 -12.64 -18.89
N ASP A 526 7.82 -11.97 -18.07
CA ASP A 526 7.68 -10.55 -17.83
C ASP A 526 8.46 -9.80 -18.94
N ASP A 527 7.85 -9.80 -20.11
CA ASP A 527 8.54 -9.32 -21.30
C ASP A 527 7.89 -8.14 -22.01
N TYR A 528 6.84 -7.57 -21.47
CA TYR A 528 6.13 -6.53 -22.18
C TYR A 528 6.69 -5.13 -21.95
N ARG A 529 6.47 -4.24 -22.93
CA ARG A 529 6.88 -2.83 -22.89
C ARG A 529 8.23 -2.59 -22.26
N ILE A 530 9.23 -3.36 -22.73
CA ILE A 530 10.55 -3.34 -22.13
C ILE A 530 11.19 -1.96 -22.28
N GLU A 531 11.15 -1.32 -23.46
CA GLU A 531 11.81 -0.04 -23.64
C GLU A 531 11.20 1.07 -22.78
N GLY A 532 9.87 1.12 -22.78
CA GLY A 532 9.14 2.14 -22.05
C GLY A 532 9.36 1.99 -20.54
N ILE A 533 9.18 0.77 -20.00
CA ILE A 533 9.37 0.58 -18.57
C ILE A 533 10.82 0.73 -18.13
N SER A 534 11.76 0.25 -18.94
CA SER A 534 13.18 0.37 -18.64
C SER A 534 13.59 1.83 -18.51
N ASN A 535 13.08 2.70 -19.37
CA ASN A 535 13.42 4.11 -19.31
C ASN A 535 12.95 4.71 -17.99
N PHE A 536 11.80 4.30 -17.48
CA PHE A 536 11.33 4.79 -16.18
C PHE A 536 12.23 4.28 -15.07
N GLU A 537 12.73 3.04 -15.20
CA GLU A 537 13.63 2.47 -14.22
C GLU A 537 14.93 3.24 -14.10
N THR A 538 15.46 3.73 -15.23
CA THR A 538 16.77 4.35 -15.25
C THR A 538 16.89 5.86 -15.38
N ASP A 539 15.88 6.58 -15.85
CA ASP A 539 16.05 8.01 -16.01
C ASP A 539 15.82 8.78 -14.72
N VAL A 540 16.92 8.96 -14.00
CA VAL A 540 16.91 9.77 -12.78
C VAL A 540 16.42 11.19 -12.98
N ASN A 541 16.63 11.76 -14.17
CA ASN A 541 16.22 13.14 -14.43
C ASN A 541 14.72 13.36 -14.53
N LEU A 542 13.94 12.29 -14.44
CA LEU A 542 12.50 12.41 -14.37
C LEU A 542 12.05 12.77 -12.97
N TYR A 543 12.88 12.38 -12.02
CA TYR A 543 12.40 12.45 -10.68
C TYR A 543 13.06 13.52 -9.88
N GLY A 544 11.97 14.05 -9.38
CA GLY A 544 11.89 15.11 -8.42
C GLY A 544 10.40 15.00 -8.04
#